data_8E8H
#
_entry.id   8E8H
#
_cell.length_a   98.060
_cell.length_b   98.060
_cell.length_c   81.260
_cell.angle_alpha   90.000
_cell.angle_beta   90.000
_cell.angle_gamma   120.000
#
_symmetry.space_group_name_H-M   'P 61'
#
loop_
_entity.id
_entity.type
_entity.pdbx_description
1 polymer 'DNA polymerase eta'
2 polymer "DNA (5'-D(*CP*AP*TP*TP*AP*TP*GP*AP*CP*GP*CP*T)-3')"
3 polymer "DNA/RNA (5'-D(*AP*GP*CP*GP*TP*CP*A)-R(P*U)-D(P*G)-3')"
4 non-polymer 'MANGANESE (II) ION'
5 non-polymer "2'-DEOXYGUANOSINE-5'-TRIPHOSPHATE"
6 non-polymer DIPHOSPHATE
7 water water
#
loop_
_entity_poly.entity_id
_entity_poly.type
_entity_poly.pdbx_seq_one_letter_code
_entity_poly.pdbx_strand_id
1 'polypeptide(L)'
;GPHMATGQDRVVALVDMDCFFVQVEQRQNPHLRNKPCAVVQYKSWKGGGIIAVSYEARAFGVTRSMWADDAKKLCPDLLL
AQVRESRGKANLTKYREASVEVMEIMSRFAVIERASIDEAYVDLTSAVQERLQKLQGQPISADLLPSTYIEGLPQGPTTA
EETVQKEGMRKQGLFQWLDSLQIDNLTSPDLQLTVGAVIVEEMRAAIERETGFQCSAGISHNKVLAKLACGLNKPNRQTL
VSHGSVPQLFSQMPIRKIRSLGGKLGASVIEILGIEYMGELTQFTESQLQSHFGEKNGSWLYAMCRGIEHDPVKPRQLPK
TIGCSKNFPGKTALATREQVQWWLLQLAQELEERLTKDRNDNDRVATQLVVSIRVQGDKRLSSLRRCCALTRYDAHKMSH
DAFTVIKNCNTSGIQTEWSPPLTMLFLCATKFSAS
;
A
2 'polydeoxyribonucleotide' (DC)(DA)(DT)(DT)(DA)(DT)(DG)(DA)(DC)(DG)(DC)(DT) T
3 'polydeoxyribonucleotide/polyribonucleotide hybrid' (DA)(DG)(DC)(DG)(DT)(DC)(DA)U(DG) P
#
loop_
_chem_comp.id
_chem_comp.type
_chem_comp.name
_chem_comp.formula
DA DNA linking 2'-DEOXYADENOSINE-5'-MONOPHOSPHATE 'C10 H14 N5 O6 P'
DC DNA linking 2'-DEOXYCYTIDINE-5'-MONOPHOSPHATE 'C9 H14 N3 O7 P'
DG DNA linking 2'-DEOXYGUANOSINE-5'-MONOPHOSPHATE 'C10 H14 N5 O7 P'
DGT non-polymer 2'-DEOXYGUANOSINE-5'-TRIPHOSPHATE 'C10 H16 N5 O13 P3'
DPO non-polymer DIPHOSPHATE 'O7 P2 -4'
DT DNA linking THYMIDINE-5'-MONOPHOSPHATE 'C10 H15 N2 O8 P'
MN non-polymer 'MANGANESE (II) ION' 'Mn 2'
U RNA linking URIDINE-5'-MONOPHOSPHATE 'C9 H13 N2 O9 P'
#
# COMPACT_ATOMS: atom_id res chain seq x y z
N GLY A 1 -23.18 -9.82 -26.69
CA GLY A 1 -23.43 -10.94 -25.80
C GLY A 1 -22.28 -11.91 -25.66
N PRO A 2 -22.12 -12.82 -26.64
CA PRO A 2 -21.02 -13.79 -26.56
C PRO A 2 -19.63 -13.17 -26.65
N HIS A 3 -19.49 -11.96 -27.21
CA HIS A 3 -18.21 -11.34 -27.50
C HIS A 3 -17.88 -10.17 -26.59
N MET A 4 -18.72 -9.89 -25.59
CA MET A 4 -18.46 -8.85 -24.61
C MET A 4 -17.62 -9.49 -23.51
N ALA A 5 -16.28 -9.37 -23.63
CA ALA A 5 -15.37 -9.98 -22.68
C ALA A 5 -15.60 -9.40 -21.29
N THR A 6 -15.55 -10.27 -20.29
CA THR A 6 -15.96 -9.87 -18.96
C THR A 6 -14.82 -9.82 -17.96
N GLY A 7 -13.57 -9.93 -18.43
CA GLY A 7 -12.45 -9.68 -17.56
C GLY A 7 -12.49 -10.61 -16.36
N GLN A 8 -12.63 -11.89 -16.65
CA GLN A 8 -12.59 -12.95 -15.66
C GLN A 8 -11.51 -13.95 -16.00
N ASP A 9 -10.51 -13.53 -16.77
CA ASP A 9 -9.43 -14.41 -17.16
C ASP A 9 -8.46 -14.68 -16.01
N ARG A 10 -8.33 -13.75 -15.08
CA ARG A 10 -7.29 -13.79 -14.05
C ARG A 10 -7.88 -13.99 -12.67
N VAL A 11 -7.09 -14.61 -11.80
CA VAL A 11 -7.30 -14.59 -10.35
C VAL A 11 -6.20 -13.76 -9.71
N VAL A 12 -6.60 -12.68 -9.04
CA VAL A 12 -5.68 -11.70 -8.45
C VAL A 12 -6.07 -11.51 -7.01
N ALA A 13 -5.08 -11.54 -6.12
CA ALA A 13 -5.30 -11.27 -4.70
C ALA A 13 -4.49 -10.07 -4.26
N LEU A 14 -5.01 -9.36 -3.27
CA LEU A 14 -4.30 -8.27 -2.61
C LEU A 14 -4.17 -8.62 -1.13
N VAL A 15 -2.94 -8.85 -0.68
CA VAL A 15 -2.67 -9.16 0.72
C VAL A 15 -2.12 -7.90 1.39
N ASP A 16 -2.73 -7.55 2.53
CA ASP A 16 -2.39 -6.34 3.29
C ASP A 16 -2.27 -6.66 4.78
N MET A 17 -1.09 -6.41 5.37
CA MET A 17 -0.90 -6.66 6.79
C MET A 17 -1.75 -5.73 7.63
N ASP A 18 -2.45 -6.30 8.60
CA ASP A 18 -3.24 -5.48 9.52
C ASP A 18 -2.31 -4.63 10.38
N CYS A 19 -2.60 -3.33 10.46
CA CYS A 19 -1.84 -2.33 11.22
C CYS A 19 -0.38 -2.71 11.33
N PHE A 20 0.35 -2.65 10.21
CA PHE A 20 1.60 -3.40 10.09
C PHE A 20 2.65 -2.95 11.11
N PHE A 21 2.94 -1.64 11.17
CA PHE A 21 4.00 -1.19 12.08
C PHE A 21 3.67 -1.56 13.54
N VAL A 22 2.39 -1.48 13.92
CA VAL A 22 1.93 -1.87 15.24
C VAL A 22 2.19 -3.35 15.50
N GLN A 23 1.87 -4.22 14.54
CA GLN A 23 2.14 -5.64 14.75
C GLN A 23 3.63 -5.92 14.87
N VAL A 24 4.47 -5.23 14.09
CA VAL A 24 5.92 -5.43 14.20
C VAL A 24 6.39 -5.10 15.61
N GLU A 25 5.91 -3.96 16.14
CA GLU A 25 6.28 -3.58 17.50
C GLU A 25 5.66 -4.53 18.53
N GLN A 26 4.48 -5.11 18.25
CA GLN A 26 3.81 -6.01 19.21
C GLN A 26 4.48 -7.38 19.23
N ARG A 27 4.94 -7.87 18.09
CA ARG A 27 5.80 -9.04 18.10
C ARG A 27 7.03 -8.79 18.95
N GLN A 28 7.67 -7.63 18.79
CA GLN A 28 8.88 -7.36 19.55
C GLN A 28 8.62 -7.11 21.04
N ASN A 29 7.51 -6.48 21.38
CA ASN A 29 7.18 -6.19 22.79
C ASN A 29 5.84 -6.82 23.18
N PRO A 30 5.85 -8.02 23.78
CA PRO A 30 4.58 -8.68 24.11
C PRO A 30 3.64 -7.85 24.96
N HIS A 31 4.16 -6.89 25.73
CA HIS A 31 3.30 -6.08 26.58
C HIS A 31 2.30 -5.25 25.79
N LEU A 32 2.49 -5.11 24.48
CA LEU A 32 1.62 -4.30 23.65
C LEU A 32 0.52 -5.11 22.99
N ARG A 33 0.62 -6.45 23.02
CA ARG A 33 -0.28 -7.28 22.25
C ARG A 33 -1.69 -7.15 22.78
N ASN A 34 -2.69 -7.19 21.87
CA ASN A 34 -4.10 -7.14 22.26
C ASN A 34 -4.41 -5.94 23.14
N LYS A 35 -3.81 -4.79 22.83
CA LYS A 35 -3.99 -3.54 23.53
C LYS A 35 -4.29 -2.43 22.55
N PRO A 36 -4.97 -1.37 23.00
CA PRO A 36 -4.98 -0.13 22.21
C PRO A 36 -3.56 0.39 22.12
N CYS A 37 -3.01 0.38 20.91
N CYS A 37 -2.98 0.37 20.93
CA CYS A 37 -1.62 0.72 20.67
CA CYS A 37 -1.65 0.94 20.80
C CYS A 37 -1.54 1.55 19.38
C CYS A 37 -1.47 1.48 19.39
N ALA A 38 -0.48 2.34 19.26
CA ALA A 38 -0.20 3.08 18.03
C ALA A 38 1.29 3.30 17.92
N VAL A 39 1.74 3.51 16.69
CA VAL A 39 3.16 3.79 16.42
C VAL A 39 3.26 5.25 16.03
N VAL A 40 4.29 5.93 16.55
N VAL A 40 4.36 5.89 16.46
CA VAL A 40 4.47 7.35 16.34
CA VAL A 40 4.51 7.34 16.43
C VAL A 40 5.86 7.63 15.81
C VAL A 40 5.91 7.71 15.96
N GLN A 41 6.00 8.79 15.18
CA GLN A 41 7.27 9.37 14.75
C GLN A 41 7.50 10.66 15.54
N TYR A 42 8.68 10.76 16.15
N TYR A 42 8.69 10.80 16.14
CA TYR A 42 9.06 11.87 17.03
CA TYR A 42 9.15 12.06 16.75
C TYR A 42 8.19 11.88 18.28
C TYR A 42 8.27 12.62 17.87
N LYS A 43 8.56 12.71 19.25
N LYS A 43 8.70 12.51 19.14
CA LYS A 43 7.82 12.81 20.51
CA LYS A 43 7.83 12.85 20.27
C LYS A 43 7.68 14.24 21.02
C LYS A 43 7.50 14.34 20.34
N SER A 44 8.52 15.17 20.58
CA SER A 44 8.43 16.55 21.09
C SER A 44 7.15 17.30 20.74
N TRP A 45 6.85 17.46 19.45
CA TRP A 45 5.66 18.20 19.04
C TRP A 45 4.41 17.33 19.24
N LYS A 46 3.61 17.68 20.26
CA LYS A 46 2.29 17.09 20.54
C LYS A 46 2.34 15.58 20.68
N GLY A 47 3.40 15.08 21.30
CA GLY A 47 3.53 13.66 21.54
C GLY A 47 4.02 12.88 20.36
N GLY A 48 4.11 13.48 19.18
CA GLY A 48 4.47 12.77 17.98
C GLY A 48 3.27 12.40 17.12
N GLY A 49 3.55 12.12 15.85
CA GLY A 49 2.52 11.88 14.86
C GLY A 49 2.30 10.39 14.65
N ILE A 50 1.06 9.98 14.75
CA ILE A 50 0.70 8.57 14.68
C ILE A 50 0.67 8.15 13.22
N ILE A 51 1.37 7.06 12.89
CA ILE A 51 1.33 6.52 11.54
C ILE A 51 0.73 5.11 11.47
N ALA A 52 0.35 4.51 12.61
CA ALA A 52 -0.24 3.17 12.59
C ALA A 52 -0.99 2.89 13.89
N VAL A 53 -2.15 2.25 13.80
CA VAL A 53 -3.08 2.15 14.91
C VAL A 53 -3.63 0.74 14.97
N SER A 54 -3.55 0.11 16.14
CA SER A 54 -4.18 -1.20 16.32
C SER A 54 -5.70 -1.07 16.29
N TYR A 55 -6.36 -2.20 15.99
CA TYR A 55 -7.82 -2.17 15.85
C TYR A 55 -8.51 -1.86 17.17
N GLU A 56 -7.91 -2.29 18.28
CA GLU A 56 -8.42 -1.92 19.59
C GLU A 56 -8.39 -0.41 19.77
N ALA A 57 -7.29 0.25 19.35
CA ALA A 57 -7.21 1.71 19.46
C ALA A 57 -8.17 2.41 18.50
N ARG A 58 -8.26 1.91 17.25
CA ARG A 58 -9.23 2.45 16.28
C ARG A 58 -10.63 2.48 16.82
N ALA A 59 -11.03 1.47 17.63
CA ALA A 59 -12.38 1.48 18.19
C ALA A 59 -12.63 2.67 19.10
N PHE A 60 -11.58 3.36 19.54
CA PHE A 60 -11.73 4.60 20.29
C PHE A 60 -11.74 5.84 19.41
N GLY A 61 -11.51 5.68 18.11
CA GLY A 61 -11.41 6.80 17.21
C GLY A 61 -10.01 7.23 16.87
N VAL A 62 -9.00 6.47 17.26
CA VAL A 62 -7.64 6.89 16.99
C VAL A 62 -7.33 6.58 15.53
N THR A 63 -6.77 7.55 14.83
CA THR A 63 -6.53 7.41 13.41
C THR A 63 -5.10 7.79 13.09
N ARG A 64 -4.69 7.36 11.91
CA ARG A 64 -3.38 7.80 11.42
CA ARG A 64 -3.38 7.80 11.43
C ARG A 64 -3.44 9.30 11.16
N SER A 65 -2.25 9.90 11.16
CA SER A 65 -2.06 11.32 10.89
C SER A 65 -2.64 12.19 11.99
N MET A 66 -2.70 11.65 13.20
CA MET A 66 -3.25 12.32 14.35
C MET A 66 -2.12 12.46 15.36
N TRP A 67 -2.18 13.52 16.18
CA TRP A 67 -1.14 13.76 17.17
C TRP A 67 -1.33 12.82 18.35
N ALA A 68 -0.21 12.36 18.93
CA ALA A 68 -0.33 11.39 20.03
C ALA A 68 -1.07 12.00 21.21
N ASP A 69 -0.84 13.27 21.51
CA ASP A 69 -1.53 13.90 22.64
C ASP A 69 -3.04 14.01 22.40
N ASP A 70 -3.47 14.12 21.15
CA ASP A 70 -4.90 14.15 20.87
C ASP A 70 -5.51 12.75 20.97
N ALA A 71 -4.81 11.77 20.38
CA ALA A 71 -5.18 10.37 20.53
C ALA A 71 -5.36 10.00 21.99
N LYS A 72 -4.42 10.42 22.83
CA LYS A 72 -4.49 10.13 24.26
C LYS A 72 -5.73 10.72 24.89
N LYS A 73 -6.26 11.80 24.29
CA LYS A 73 -7.53 12.34 24.75
C LYS A 73 -8.68 11.45 24.33
N LEU A 74 -8.57 10.77 23.19
CA LEU A 74 -9.65 9.84 22.89
C LEU A 74 -9.49 8.54 23.67
N CYS A 75 -8.25 8.13 23.94
CA CYS A 75 -7.95 6.79 24.42
C CYS A 75 -6.84 6.87 25.46
N PRO A 76 -7.19 7.13 26.73
CA PRO A 76 -6.17 7.47 27.73
C PRO A 76 -5.26 6.31 28.09
N ASP A 77 -5.70 5.09 27.83
CA ASP A 77 -4.88 3.89 28.01
C ASP A 77 -4.02 3.57 26.79
N LEU A 78 -4.03 4.43 25.76
CA LEU A 78 -3.31 4.13 24.52
C LEU A 78 -1.85 3.87 24.83
N LEU A 79 -1.30 2.81 24.26
CA LEU A 79 0.12 2.56 24.38
C LEU A 79 0.79 2.99 23.08
N LEU A 80 2.03 3.47 23.17
CA LEU A 80 2.70 4.08 22.03
C LEU A 80 4.06 3.42 21.86
N ALA A 81 4.36 2.98 20.64
CA ALA A 81 5.71 2.59 20.29
C ALA A 81 6.26 3.62 19.31
N GLN A 82 7.54 3.96 19.49
CA GLN A 82 8.20 5.03 18.75
C GLN A 82 9.09 4.50 17.65
N VAL A 83 8.99 5.11 16.46
CA VAL A 83 9.88 4.75 15.38
C VAL A 83 11.33 5.03 15.82
N ARG A 84 12.27 4.18 15.38
CA ARG A 84 13.69 4.38 15.65
C ARG A 84 14.16 5.71 15.07
N GLU A 85 15.05 6.39 15.77
CA GLU A 85 15.60 7.66 15.28
C GLU A 85 17.09 7.50 15.09
N SER A 86 17.57 7.83 13.90
CA SER A 86 18.99 7.76 13.59
C SER A 86 19.41 8.99 12.81
N ARG A 87 20.59 9.51 13.14
CA ARG A 87 21.12 10.75 12.56
C ARG A 87 20.08 11.87 12.57
N GLY A 88 19.28 11.93 13.62
CA GLY A 88 18.31 12.99 13.75
C GLY A 88 17.04 12.83 12.97
N LYS A 89 16.75 11.64 12.44
CA LYS A 89 15.54 11.47 11.67
C LYS A 89 14.93 10.10 11.90
N ALA A 90 13.69 9.95 11.47
CA ALA A 90 13.05 8.64 11.54
C ALA A 90 13.77 7.65 10.63
N ASN A 91 13.92 6.43 11.14
CA ASN A 91 14.59 5.31 10.48
C ASN A 91 13.60 4.15 10.45
N LEU A 92 13.13 3.78 9.26
CA LEU A 92 12.09 2.77 9.15
C LEU A 92 12.65 1.37 8.92
N THR A 93 13.91 1.14 9.24
CA THR A 93 14.57 -0.11 8.87
C THR A 93 13.85 -1.33 9.40
N LYS A 94 13.43 -1.30 10.66
CA LYS A 94 12.77 -2.45 11.27
C LYS A 94 11.58 -2.91 10.43
N TYR A 95 10.81 -1.96 9.91
CA TYR A 95 9.63 -2.28 9.14
C TYR A 95 9.96 -2.73 7.73
N ARG A 96 11.02 -2.17 7.12
CA ARG A 96 11.42 -2.68 5.81
C ARG A 96 11.87 -4.14 5.89
N GLU A 97 12.59 -4.50 6.96
CA GLU A 97 13.00 -5.90 7.15
C GLU A 97 11.81 -6.80 7.47
N ALA A 98 10.88 -6.34 8.31
CA ALA A 98 9.69 -7.15 8.54
C ALA A 98 8.92 -7.35 7.23
N SER A 99 8.80 -6.28 6.44
CA SER A 99 8.14 -6.37 5.14
C SER A 99 8.81 -7.42 4.27
N VAL A 100 10.13 -7.46 4.29
CA VAL A 100 10.82 -8.42 3.43
C VAL A 100 10.56 -9.85 3.88
N GLU A 101 10.49 -10.09 5.20
CA GLU A 101 10.08 -11.42 5.67
C GLU A 101 8.76 -11.83 5.00
N VAL A 102 7.76 -10.96 5.12
CA VAL A 102 6.44 -11.27 4.57
C VAL A 102 6.52 -11.52 3.07
N MET A 103 7.16 -10.59 2.34
N MET A 103 7.16 -10.60 2.34
CA MET A 103 7.21 -10.70 0.88
CA MET A 103 7.17 -10.72 0.88
C MET A 103 7.86 -12.00 0.46
C MET A 103 7.88 -11.99 0.44
N GLU A 104 8.90 -12.43 1.18
CA GLU A 104 9.60 -13.65 0.81
C GLU A 104 8.71 -14.85 1.03
N ILE A 105 7.86 -14.83 2.07
CA ILE A 105 6.90 -15.91 2.21
C ILE A 105 5.90 -15.91 1.05
N MET A 106 5.25 -14.77 0.80
CA MET A 106 4.27 -14.70 -0.29
C MET A 106 4.87 -15.19 -1.59
N SER A 107 6.12 -14.84 -1.86
CA SER A 107 6.76 -15.25 -3.10
C SER A 107 6.84 -16.76 -3.25
N ARG A 108 6.67 -17.54 -2.18
CA ARG A 108 6.73 -18.99 -2.34
C ARG A 108 5.54 -19.52 -3.10
N PHE A 109 4.40 -18.84 -3.03
CA PHE A 109 3.16 -19.32 -3.65
C PHE A 109 3.00 -18.84 -5.10
N ALA A 110 3.25 -17.57 -5.37
CA ALA A 110 3.11 -17.05 -6.72
C ALA A 110 4.02 -15.85 -6.88
N VAL A 111 4.02 -15.28 -8.09
CA VAL A 111 4.72 -14.04 -8.35
C VAL A 111 3.93 -12.87 -7.78
N ILE A 112 4.65 -11.96 -7.11
CA ILE A 112 4.03 -10.88 -6.36
C ILE A 112 4.54 -9.54 -6.88
N GLU A 113 3.70 -8.51 -6.74
CA GLU A 113 4.06 -7.10 -7.01
C GLU A 113 4.02 -6.37 -5.68
N ARG A 114 5.19 -6.00 -5.17
CA ARG A 114 5.22 -5.20 -3.96
C ARG A 114 4.55 -3.86 -4.22
N ALA A 115 3.40 -3.64 -3.59
CA ALA A 115 2.68 -2.39 -3.84
C ALA A 115 2.93 -1.36 -2.77
N SER A 116 3.34 -1.78 -1.57
CA SER A 116 3.82 -0.88 -0.53
C SER A 116 4.50 -1.73 0.54
N ILE A 117 5.07 -1.06 1.54
CA ILE A 117 5.85 -1.78 2.54
C ILE A 117 5.02 -2.90 3.17
N ASP A 118 3.69 -2.73 3.24
CA ASP A 118 2.86 -3.74 3.89
C ASP A 118 1.87 -4.45 2.98
N GLU A 119 1.96 -4.31 1.67
CA GLU A 119 0.96 -5.01 0.86
C GLU A 119 1.50 -5.33 -0.53
N ALA A 120 1.00 -6.44 -1.04
CA ALA A 120 1.42 -6.94 -2.34
C ALA A 120 0.22 -7.52 -3.07
N TYR A 121 0.29 -7.50 -4.40
CA TYR A 121 -0.65 -8.21 -5.27
C TYR A 121 -0.05 -9.54 -5.72
N VAL A 122 -0.94 -10.52 -5.92
CA VAL A 122 -0.57 -11.86 -6.33
C VAL A 122 -1.36 -12.21 -7.58
N ASP A 123 -0.67 -12.70 -8.62
CA ASP A 123 -1.32 -13.35 -9.75
C ASP A 123 -1.46 -14.84 -9.47
N LEU A 124 -2.68 -15.31 -9.17
CA LEU A 124 -2.88 -16.70 -8.82
C LEU A 124 -3.39 -17.57 -9.96
N THR A 125 -3.49 -17.04 -11.18
CA THR A 125 -4.10 -17.81 -12.27
C THR A 125 -3.43 -19.18 -12.43
N SER A 126 -2.10 -19.21 -12.56
CA SER A 126 -1.41 -20.49 -12.75
C SER A 126 -1.57 -21.40 -11.55
N ALA A 127 -1.44 -20.83 -10.35
CA ALA A 127 -1.59 -21.62 -9.14
C ALA A 127 -2.97 -22.28 -9.11
N VAL A 128 -4.03 -21.54 -9.46
CA VAL A 128 -5.39 -22.08 -9.43
CA VAL A 128 -5.36 -22.13 -9.38
C VAL A 128 -5.54 -23.21 -10.44
N GLN A 129 -5.02 -22.99 -11.66
CA GLN A 129 -5.14 -24.08 -12.64
C GLN A 129 -4.46 -25.36 -12.15
N GLU A 130 -3.22 -25.23 -11.65
CA GLU A 130 -2.52 -26.39 -11.11
C GLU A 130 -3.37 -27.08 -10.04
N ARG A 131 -3.88 -26.29 -9.08
CA ARG A 131 -4.62 -26.86 -7.96
C ARG A 131 -5.92 -27.51 -8.42
N LEU A 132 -6.65 -26.87 -9.34
CA LEU A 132 -7.88 -27.43 -9.88
C LEU A 132 -7.62 -28.77 -10.54
N GLN A 133 -6.51 -28.89 -11.26
CA GLN A 133 -6.16 -30.20 -11.80
C GLN A 133 -5.90 -31.19 -10.67
N LYS A 134 -5.26 -30.74 -9.59
CA LYS A 134 -4.90 -31.67 -8.51
C LYS A 134 -6.14 -32.19 -7.79
N LEU A 135 -7.20 -31.39 -7.69
CA LEU A 135 -8.38 -31.89 -7.03
C LEU A 135 -9.00 -33.04 -7.81
N GLN A 136 -8.88 -33.01 -9.14
CA GLN A 136 -9.60 -33.93 -10.01
C GLN A 136 -11.08 -33.97 -9.59
N GLY A 137 -11.76 -32.86 -9.92
CA GLY A 137 -13.20 -32.72 -9.74
C GLY A 137 -13.72 -32.71 -8.31
N GLN A 138 -12.82 -32.80 -7.34
CA GLN A 138 -13.23 -32.87 -5.95
C GLN A 138 -13.80 -31.53 -5.47
N PRO A 139 -14.95 -31.54 -4.78
CA PRO A 139 -15.60 -30.28 -4.39
C PRO A 139 -14.89 -29.59 -3.22
N ILE A 140 -15.12 -28.29 -3.11
CA ILE A 140 -14.38 -27.45 -2.17
C ILE A 140 -15.15 -27.37 -0.86
N SER A 141 -14.52 -27.81 0.21
CA SER A 141 -15.10 -27.86 1.54
C SER A 141 -14.97 -26.53 2.29
N ALA A 142 -16.05 -26.14 2.97
CA ALA A 142 -16.02 -24.92 3.79
C ALA A 142 -14.84 -24.92 4.76
N ASP A 143 -14.41 -26.11 5.18
CA ASP A 143 -13.28 -26.20 6.09
C ASP A 143 -12.03 -25.58 5.48
N LEU A 144 -11.92 -25.58 4.16
CA LEU A 144 -10.75 -25.02 3.51
C LEU A 144 -10.76 -23.50 3.52
N LEU A 145 -11.87 -22.86 3.92
CA LEU A 145 -12.04 -21.41 3.82
C LEU A 145 -12.45 -20.82 5.16
N PRO A 146 -11.65 -21.03 6.22
CA PRO A 146 -12.12 -20.70 7.57
C PRO A 146 -12.21 -19.21 7.86
N SER A 147 -11.62 -18.34 7.04
CA SER A 147 -11.73 -16.92 7.35
C SER A 147 -12.23 -16.13 6.15
N THR A 148 -12.84 -16.79 5.17
CA THR A 148 -13.22 -16.16 3.91
C THR A 148 -14.66 -15.67 3.98
N TYR A 149 -14.89 -14.43 3.54
CA TYR A 149 -16.21 -13.88 3.34
C TYR A 149 -16.53 -13.87 1.86
N ILE A 150 -17.78 -14.13 1.51
CA ILE A 150 -18.23 -14.01 0.13
C ILE A 150 -19.05 -12.74 0.04
N GLU A 151 -18.54 -11.77 -0.68
CA GLU A 151 -19.22 -10.48 -0.71
C GLU A 151 -20.56 -10.62 -1.45
N GLY A 152 -21.61 -10.05 -0.85
CA GLY A 152 -22.95 -10.09 -1.41
C GLY A 152 -23.82 -11.18 -0.82
N LEU A 153 -23.22 -12.13 -0.10
CA LEU A 153 -23.88 -13.27 0.52
C LEU A 153 -23.78 -13.20 2.04
N PRO A 154 -24.79 -13.67 2.75
CA PRO A 154 -26.00 -14.36 2.26
C PRO A 154 -27.04 -13.40 1.66
N GLN A 155 -27.97 -13.89 0.83
CA GLN A 155 -29.12 -13.09 0.43
C GLN A 155 -30.34 -13.99 0.60
N GLY A 156 -31.52 -13.37 0.61
CA GLY A 156 -32.80 -14.08 0.54
C GLY A 156 -33.09 -15.11 1.61
N GLN A 165 -24.98 -12.93 14.85
CA GLN A 165 -23.57 -13.22 15.15
C GLN A 165 -22.71 -13.18 13.89
N LYS A 166 -21.58 -12.47 13.97
CA LYS A 166 -20.77 -12.17 12.78
C LYS A 166 -20.31 -13.44 12.09
N GLU A 167 -19.70 -14.36 12.85
CA GLU A 167 -19.24 -15.60 12.25
C GLU A 167 -20.40 -16.41 11.69
N GLY A 168 -21.58 -16.27 12.30
CA GLY A 168 -22.75 -16.98 11.79
C GLY A 168 -23.10 -16.54 10.39
N MET A 169 -23.19 -15.23 10.17
CA MET A 169 -23.39 -14.70 8.83
C MET A 169 -22.30 -15.17 7.87
N ARG A 170 -21.03 -15.05 8.28
CA ARG A 170 -19.95 -15.47 7.38
C ARG A 170 -20.17 -16.89 6.88
N LYS A 171 -20.49 -17.80 7.81
CA LYS A 171 -20.65 -19.20 7.43
C LYS A 171 -21.86 -19.40 6.53
N GLN A 172 -22.98 -18.72 6.82
CA GLN A 172 -24.13 -18.82 5.92
C GLN A 172 -23.75 -18.39 4.52
N GLY A 173 -23.06 -17.25 4.40
CA GLY A 173 -22.70 -16.76 3.07
C GLY A 173 -21.81 -17.74 2.33
N LEU A 174 -20.79 -18.26 3.03
CA LEU A 174 -19.92 -19.27 2.45
C LEU A 174 -20.71 -20.51 2.02
N PHE A 175 -21.66 -20.94 2.85
CA PHE A 175 -22.45 -22.13 2.50
C PHE A 175 -23.24 -21.90 1.22
N GLN A 176 -23.94 -20.76 1.12
CA GLN A 176 -24.66 -20.42 -0.10
C GLN A 176 -23.73 -20.48 -1.30
N TRP A 177 -22.55 -19.88 -1.17
CA TRP A 177 -21.62 -19.81 -2.29
C TRP A 177 -21.19 -21.21 -2.74
N LEU A 178 -20.83 -22.06 -1.77
CA LEU A 178 -20.28 -23.38 -2.08
C LEU A 178 -21.36 -24.32 -2.63
N ASP A 179 -22.57 -24.23 -2.08
CA ASP A 179 -23.69 -24.98 -2.66
C ASP A 179 -23.95 -24.59 -4.11
N SER A 180 -23.85 -23.30 -4.43
CA SER A 180 -24.09 -22.86 -5.80
C SER A 180 -22.94 -23.11 -6.75
N LEU A 181 -21.89 -23.81 -6.31
N LEU A 181 -21.89 -23.81 -6.31
CA LEU A 181 -20.66 -23.94 -7.09
CA LEU A 181 -20.66 -23.94 -7.09
C LEU A 181 -20.71 -25.13 -8.04
C LEU A 181 -20.71 -25.13 -8.04
N GLN A 182 -20.18 -24.94 -9.25
CA GLN A 182 -20.10 -26.01 -10.26
C GLN A 182 -18.66 -26.54 -10.34
N ILE A 183 -18.38 -27.60 -9.56
CA ILE A 183 -17.00 -28.09 -9.36
C ILE A 183 -16.48 -28.91 -10.55
N ASP A 184 -17.37 -29.34 -11.45
CA ASP A 184 -16.93 -30.13 -12.60
C ASP A 184 -16.36 -29.27 -13.72
N ASN A 185 -16.80 -28.01 -13.83
CA ASN A 185 -16.36 -27.10 -14.91
C ASN A 185 -15.08 -26.40 -14.47
N LEU A 186 -13.93 -26.94 -14.90
CA LEU A 186 -12.62 -26.39 -14.55
C LEU A 186 -12.39 -25.00 -15.16
N THR A 187 -13.38 -24.42 -15.82
CA THR A 187 -13.28 -23.13 -16.51
C THR A 187 -14.22 -22.07 -15.96
N SER A 188 -15.01 -22.39 -14.93
CA SER A 188 -15.90 -21.41 -14.31
C SER A 188 -15.12 -20.37 -13.52
N PRO A 189 -15.23 -19.09 -13.86
CA PRO A 189 -14.55 -18.05 -13.05
C PRO A 189 -14.82 -18.13 -11.57
N ASP A 190 -16.04 -18.46 -11.15
CA ASP A 190 -16.35 -18.46 -9.72
C ASP A 190 -15.60 -19.58 -9.01
N LEU A 191 -15.56 -20.77 -9.62
CA LEU A 191 -14.71 -21.84 -9.11
C LEU A 191 -13.26 -21.39 -8.98
N GLN A 192 -12.77 -20.65 -9.98
CA GLN A 192 -11.36 -20.27 -9.94
C GLN A 192 -11.08 -19.30 -8.80
N LEU A 193 -11.95 -18.30 -8.62
CA LEU A 193 -11.82 -17.40 -7.47
C LEU A 193 -11.83 -18.19 -6.16
N THR A 194 -12.70 -19.20 -6.07
CA THR A 194 -12.82 -20.00 -4.86
C THR A 194 -11.53 -20.74 -4.55
N VAL A 195 -10.97 -21.41 -5.56
CA VAL A 195 -9.67 -22.07 -5.37
C VAL A 195 -8.60 -21.03 -5.03
N GLY A 196 -8.63 -19.88 -5.71
CA GLY A 196 -7.71 -18.81 -5.35
C GLY A 196 -7.80 -18.45 -3.88
N ALA A 197 -9.02 -18.44 -3.34
CA ALA A 197 -9.20 -18.09 -1.93
C ALA A 197 -8.70 -19.18 -1.01
N VAL A 198 -8.83 -20.44 -1.43
CA VAL A 198 -8.22 -21.50 -0.63
C VAL A 198 -6.72 -21.29 -0.53
N ILE A 199 -6.08 -20.98 -1.67
CA ILE A 199 -4.64 -20.75 -1.66
C ILE A 199 -4.29 -19.53 -0.81
N VAL A 200 -5.12 -18.50 -0.85
CA VAL A 200 -4.85 -17.30 -0.05
C VAL A 200 -4.97 -17.60 1.44
N GLU A 201 -5.94 -18.43 1.83
CA GLU A 201 -6.01 -18.91 3.22
C GLU A 201 -4.71 -19.57 3.63
N GLU A 202 -4.17 -20.40 2.73
CA GLU A 202 -2.89 -21.05 3.00
C GLU A 202 -1.76 -20.05 3.13
N MET A 203 -1.69 -19.09 2.20
CA MET A 203 -0.65 -18.07 2.25
C MET A 203 -0.73 -17.31 3.56
N ARG A 204 -1.93 -16.93 3.96
CA ARG A 204 -2.06 -16.14 5.20
C ARG A 204 -1.75 -17.00 6.41
N ALA A 205 -2.03 -18.30 6.34
CA ALA A 205 -1.66 -19.16 7.47
C ALA A 205 -0.14 -19.27 7.55
N ALA A 206 0.53 -19.37 6.42
CA ALA A 206 1.98 -19.48 6.45
C ALA A 206 2.59 -18.17 6.92
N ILE A 207 2.01 -17.03 6.54
CA ILE A 207 2.54 -15.76 6.99
C ILE A 207 2.42 -15.65 8.50
N GLU A 208 1.27 -16.02 9.04
CA GLU A 208 1.13 -15.97 10.49
C GLU A 208 2.03 -16.99 11.19
N ARG A 209 2.11 -18.23 10.68
CA ARG A 209 3.02 -19.22 11.28
C ARG A 209 4.42 -18.69 11.38
N GLU A 210 4.93 -18.14 10.28
CA GLU A 210 6.35 -17.88 10.13
C GLU A 210 6.74 -16.47 10.51
N THR A 211 5.79 -15.55 10.67
CA THR A 211 6.15 -14.24 11.15
C THR A 211 5.45 -13.86 12.44
N GLY A 212 4.29 -14.41 12.71
CA GLY A 212 3.46 -13.92 13.77
C GLY A 212 2.50 -12.84 13.35
N PHE A 213 2.59 -12.39 12.10
CA PHE A 213 1.83 -11.25 11.63
C PHE A 213 0.52 -11.71 11.04
N GLN A 214 -0.55 -11.00 11.35
CA GLN A 214 -1.84 -11.23 10.72
C GLN A 214 -2.07 -10.22 9.61
N CYS A 215 -2.85 -10.65 8.61
CA CYS A 215 -3.16 -9.81 7.47
C CYS A 215 -4.57 -10.09 7.01
N SER A 216 -5.10 -9.18 6.19
CA SER A 216 -6.33 -9.40 5.46
C SER A 216 -5.99 -9.60 3.99
N ALA A 217 -6.98 -10.05 3.21
CA ALA A 217 -6.73 -10.20 1.78
C ALA A 217 -8.03 -10.08 0.99
N GLY A 218 -7.88 -9.68 -0.26
CA GLY A 218 -8.99 -9.64 -1.20
C GLY A 218 -8.69 -10.57 -2.36
N ILE A 219 -9.70 -11.29 -2.83
CA ILE A 219 -9.57 -12.19 -3.97
C ILE A 219 -10.61 -11.79 -4.99
N SER A 220 -10.15 -11.41 -6.18
CA SER A 220 -11.08 -11.08 -7.27
C SER A 220 -10.37 -11.34 -8.60
N HIS A 221 -10.89 -10.74 -9.68
CA HIS A 221 -10.34 -10.97 -11.01
C HIS A 221 -9.37 -9.88 -11.47
N ASN A 222 -9.14 -8.85 -10.68
CA ASN A 222 -8.21 -7.80 -11.08
C ASN A 222 -7.72 -7.08 -9.84
N LYS A 223 -6.76 -6.18 -10.04
CA LYS A 223 -6.10 -5.53 -8.91
C LYS A 223 -7.06 -4.61 -8.16
N VAL A 224 -7.84 -3.82 -8.88
CA VAL A 224 -8.67 -2.84 -8.19
C VAL A 224 -9.71 -3.54 -7.33
N LEU A 225 -10.32 -4.62 -7.85
CA LEU A 225 -11.35 -5.31 -7.09
C LEU A 225 -10.72 -6.08 -5.93
N ALA A 226 -9.56 -6.70 -6.17
CA ALA A 226 -8.87 -7.36 -5.07
C ALA A 226 -8.59 -6.40 -3.93
N LYS A 227 -8.11 -5.19 -4.26
CA LYS A 227 -7.81 -4.19 -3.23
C LYS A 227 -9.07 -3.73 -2.52
N LEU A 228 -10.12 -3.42 -3.29
CA LEU A 228 -11.38 -3.00 -2.67
C LEU A 228 -11.96 -4.10 -1.76
N ALA A 229 -11.86 -5.36 -2.20
CA ALA A 229 -12.33 -6.48 -1.38
C ALA A 229 -11.53 -6.61 -0.10
N CYS A 230 -10.22 -6.45 -0.16
CA CYS A 230 -9.41 -6.68 1.04
C CYS A 230 -9.90 -5.83 2.20
N GLY A 231 -10.43 -4.64 1.92
CA GLY A 231 -10.86 -3.71 2.96
C GLY A 231 -12.26 -3.94 3.46
N LEU A 232 -13.03 -4.85 2.86
CA LEU A 232 -14.41 -5.01 3.30
C LEU A 232 -14.51 -5.69 4.66
N ASN A 233 -13.53 -6.56 4.99
CA ASN A 233 -13.59 -7.40 6.19
C ASN A 233 -12.20 -7.44 6.80
N LYS A 234 -11.83 -6.36 7.46
CA LYS A 234 -10.61 -6.29 8.24
C LYS A 234 -10.98 -6.30 9.72
N PRO A 235 -10.09 -6.78 10.60
CA PRO A 235 -8.77 -7.41 10.36
C PRO A 235 -8.81 -8.93 10.28
N ASN A 236 -7.70 -9.52 9.84
CA ASN A 236 -7.52 -10.98 9.88
C ASN A 236 -8.64 -11.74 9.18
N ARG A 237 -9.17 -11.20 8.08
CA ARG A 237 -10.16 -11.90 7.26
C ARG A 237 -9.81 -11.71 5.79
N GLN A 238 -10.38 -12.53 4.92
CA GLN A 238 -10.18 -12.34 3.48
C GLN A 238 -11.52 -12.35 2.77
N THR A 239 -11.65 -11.56 1.70
CA THR A 239 -12.95 -11.39 1.06
C THR A 239 -12.87 -11.70 -0.42
N LEU A 240 -13.77 -12.56 -0.90
CA LEU A 240 -13.86 -12.93 -2.30
C LEU A 240 -14.95 -12.09 -2.96
N VAL A 241 -14.56 -11.28 -3.95
CA VAL A 241 -15.50 -10.44 -4.69
C VAL A 241 -15.60 -11.02 -6.08
N SER A 242 -16.73 -11.66 -6.35
CA SER A 242 -16.99 -12.30 -7.63
C SER A 242 -17.42 -11.26 -8.66
N HIS A 243 -17.25 -11.61 -9.95
CA HIS A 243 -17.78 -10.77 -11.01
C HIS A 243 -19.27 -10.46 -10.77
N GLY A 244 -20.06 -11.49 -10.41
CA GLY A 244 -21.49 -11.30 -10.23
C GLY A 244 -21.87 -10.34 -9.13
N SER A 245 -21.02 -10.21 -8.11
CA SER A 245 -21.32 -9.29 -7.00
C SER A 245 -21.06 -7.82 -7.33
N VAL A 246 -20.44 -7.52 -8.48
CA VAL A 246 -20.05 -6.14 -8.76
C VAL A 246 -21.25 -5.20 -8.84
N PRO A 247 -22.30 -5.48 -9.64
CA PRO A 247 -23.44 -4.53 -9.72
C PRO A 247 -24.01 -4.08 -8.38
N GLN A 248 -24.24 -5.01 -7.44
CA GLN A 248 -24.79 -4.59 -6.15
C GLN A 248 -23.74 -3.85 -5.32
N LEU A 249 -22.52 -4.40 -5.25
CA LEU A 249 -21.45 -3.74 -4.51
C LEU A 249 -21.26 -2.30 -5.00
N PHE A 250 -21.05 -2.14 -6.31
CA PHE A 250 -20.87 -0.80 -6.85
C PHE A 250 -22.11 0.07 -6.77
N SER A 251 -23.30 -0.51 -6.54
CA SER A 251 -24.49 0.34 -6.61
C SER A 251 -24.52 1.38 -5.49
N GLN A 252 -23.72 1.19 -4.43
CA GLN A 252 -23.67 2.14 -3.34
C GLN A 252 -22.25 2.51 -2.94
N MET A 253 -21.25 2.04 -3.68
CA MET A 253 -19.86 2.32 -3.40
C MET A 253 -19.57 3.75 -3.79
N PRO A 254 -19.19 4.63 -2.84
CA PRO A 254 -18.76 5.98 -3.23
C PRO A 254 -17.57 5.93 -4.17
N ILE A 255 -17.59 6.79 -5.17
CA ILE A 255 -16.54 6.76 -6.18
C ILE A 255 -15.16 6.86 -5.52
N ARG A 256 -15.05 7.65 -4.44
CA ARG A 256 -13.75 7.88 -3.83
C ARG A 256 -13.11 6.63 -3.22
N LYS A 257 -13.85 5.53 -3.10
CA LYS A 257 -13.35 4.32 -2.49
C LYS A 257 -12.51 3.46 -3.42
N ILE A 258 -12.49 3.78 -4.69
CA ILE A 258 -11.83 2.97 -5.70
C ILE A 258 -10.39 3.46 -5.82
N ARG A 259 -9.44 2.53 -5.96
CA ARG A 259 -8.04 2.93 -6.08
C ARG A 259 -7.86 3.90 -7.24
N SER A 260 -7.36 5.10 -6.94
CA SER A 260 -6.94 6.15 -7.85
C SER A 260 -8.03 7.18 -8.11
N LEU A 261 -9.24 6.96 -7.61
CA LEU A 261 -10.30 7.95 -7.68
C LEU A 261 -10.50 8.66 -6.35
N GLY A 262 -9.57 8.50 -5.41
CA GLY A 262 -9.73 9.07 -4.09
C GLY A 262 -9.45 10.55 -4.01
N GLY A 263 -8.96 11.14 -5.10
CA GLY A 263 -8.53 12.53 -5.07
C GLY A 263 -9.26 13.42 -6.05
N LYS A 264 -8.49 14.19 -6.83
CA LYS A 264 -9.06 15.24 -7.67
C LYS A 264 -9.86 14.65 -8.83
N LEU A 265 -9.34 13.62 -9.48
CA LEU A 265 -10.06 13.00 -10.60
C LEU A 265 -11.40 12.45 -10.14
N GLY A 266 -11.42 11.76 -8.99
CA GLY A 266 -12.69 11.26 -8.48
C GLY A 266 -13.66 12.36 -8.14
N ALA A 267 -13.14 13.48 -7.62
CA ALA A 267 -13.96 14.65 -7.32
C ALA A 267 -14.55 15.26 -8.58
N SER A 268 -13.77 15.29 -9.66
CA SER A 268 -14.29 15.79 -10.92
C SER A 268 -15.26 14.81 -11.58
N VAL A 269 -15.06 13.50 -11.44
CA VAL A 269 -16.10 12.55 -11.87
C VAL A 269 -17.42 12.90 -11.18
N ILE A 270 -17.35 13.05 -9.86
CA ILE A 270 -18.56 13.32 -9.07
C ILE A 270 -19.21 14.64 -9.50
N GLU A 271 -18.40 15.69 -9.67
CA GLU A 271 -18.94 17.03 -9.98
C GLU A 271 -19.45 17.10 -11.42
N ILE A 272 -18.61 16.72 -12.40
CA ILE A 272 -18.99 16.82 -13.80
C ILE A 272 -20.20 15.95 -14.12
N LEU A 273 -20.14 14.67 -13.74
CA LEU A 273 -21.20 13.75 -14.14
C LEU A 273 -22.45 13.84 -13.29
N GLY A 274 -22.40 14.51 -12.14
CA GLY A 274 -23.57 14.60 -11.29
C GLY A 274 -23.94 13.34 -10.56
N ILE A 275 -22.95 12.53 -10.17
CA ILE A 275 -23.18 11.21 -9.58
C ILE A 275 -22.44 11.11 -8.26
N GLU A 276 -22.64 9.97 -7.56
CA GLU A 276 -22.10 9.61 -6.26
C GLU A 276 -21.41 8.25 -6.27
N TYR A 277 -22.02 7.23 -6.88
CA TYR A 277 -21.58 5.86 -6.73
C TYR A 277 -20.96 5.32 -8.01
N MET A 278 -20.03 4.39 -7.83
CA MET A 278 -19.40 3.71 -8.95
C MET A 278 -20.40 3.17 -9.99
N GLY A 279 -21.51 2.60 -9.53
CA GLY A 279 -22.45 1.95 -10.46
C GLY A 279 -23.03 2.91 -11.48
N GLU A 280 -23.32 4.15 -11.07
CA GLU A 280 -23.86 5.15 -11.99
C GLU A 280 -22.97 5.34 -13.23
N LEU A 281 -21.67 5.01 -13.12
CA LEU A 281 -20.84 5.22 -14.31
C LEU A 281 -21.28 4.37 -15.49
N THR A 282 -21.98 3.26 -15.26
CA THR A 282 -22.31 2.38 -16.37
C THR A 282 -23.22 3.07 -17.38
N GLN A 283 -23.96 4.08 -16.94
CA GLN A 283 -24.93 4.62 -17.89
C GLN A 283 -24.29 5.51 -18.96
N PHE A 284 -23.00 5.81 -18.87
CA PHE A 284 -22.30 6.67 -19.82
C PHE A 284 -21.58 5.83 -20.87
N THR A 285 -21.54 6.32 -22.11
CA THR A 285 -20.78 5.59 -23.11
C THR A 285 -19.29 5.82 -22.88
N GLU A 286 -18.47 4.94 -23.46
CA GLU A 286 -17.04 5.10 -23.34
C GLU A 286 -16.60 6.45 -23.87
N SER A 287 -17.08 6.83 -25.05
CA SER A 287 -16.65 8.10 -25.62
C SER A 287 -16.99 9.26 -24.70
N GLN A 288 -18.15 9.21 -24.04
CA GLN A 288 -18.51 10.26 -23.09
C GLN A 288 -17.45 10.40 -21.99
N LEU A 289 -17.01 9.25 -21.44
CA LEU A 289 -16.04 9.28 -20.36
C LEU A 289 -14.69 9.76 -20.85
N GLN A 290 -14.26 9.31 -22.03
CA GLN A 290 -12.99 9.74 -22.60
C GLN A 290 -13.01 11.25 -22.86
N SER A 291 -14.15 11.76 -23.31
CA SER A 291 -14.27 13.20 -23.51
CA SER A 291 -14.28 13.19 -23.50
C SER A 291 -14.04 13.95 -22.21
N HIS A 292 -14.69 13.55 -21.13
CA HIS A 292 -14.57 14.30 -19.88
C HIS A 292 -13.20 14.12 -19.22
N PHE A 293 -12.64 12.91 -19.26
CA PHE A 293 -11.49 12.55 -18.44
C PHE A 293 -10.31 12.07 -19.26
N GLY A 294 -10.35 12.24 -20.58
CA GLY A 294 -9.21 11.82 -21.37
C GLY A 294 -9.32 10.36 -21.76
N GLU A 295 -8.60 10.01 -22.82
CA GLU A 295 -8.87 8.72 -23.45
C GLU A 295 -8.50 7.55 -22.54
N LYS A 296 -7.40 7.65 -21.80
CA LYS A 296 -6.96 6.57 -20.93
C LYS A 296 -7.91 6.38 -19.75
N ASN A 297 -8.04 7.43 -18.93
CA ASN A 297 -8.97 7.42 -17.82
C ASN A 297 -10.38 7.05 -18.27
N GLY A 298 -10.77 7.49 -19.46
CA GLY A 298 -12.12 7.19 -19.94
C GLY A 298 -12.32 5.70 -20.19
N SER A 299 -11.44 5.10 -21.00
CA SER A 299 -11.52 3.65 -21.18
C SER A 299 -11.48 2.92 -19.83
N TRP A 300 -10.58 3.36 -18.95
CA TRP A 300 -10.41 2.67 -17.67
C TRP A 300 -11.66 2.75 -16.82
N LEU A 301 -12.30 3.93 -16.76
CA LEU A 301 -13.55 4.08 -16.01
C LEU A 301 -14.68 3.26 -16.63
N TYR A 302 -14.75 3.25 -17.96
CA TYR A 302 -15.82 2.51 -18.62
C TYR A 302 -15.73 1.03 -18.32
N ALA A 303 -14.51 0.48 -18.25
CA ALA A 303 -14.42 -0.94 -17.88
C ALA A 303 -14.53 -1.16 -16.36
N MET A 304 -13.93 -0.27 -15.54
CA MET A 304 -13.94 -0.44 -14.08
C MET A 304 -15.31 -0.45 -13.50
N CYS A 305 -16.20 0.42 -13.97
CA CYS A 305 -17.53 0.41 -13.39
C CYS A 305 -18.30 -0.85 -13.75
N ARG A 306 -17.78 -1.65 -14.67
CA ARG A 306 -18.34 -2.95 -14.95
C ARG A 306 -17.53 -4.08 -14.31
N GLY A 307 -16.52 -3.76 -13.51
CA GLY A 307 -15.77 -4.78 -12.81
C GLY A 307 -14.54 -5.28 -13.55
N ILE A 308 -14.13 -4.57 -14.60
CA ILE A 308 -13.11 -5.04 -15.52
C ILE A 308 -11.98 -4.04 -15.51
N GLU A 309 -10.78 -4.54 -15.29
CA GLU A 309 -9.54 -3.78 -15.25
C GLU A 309 -8.42 -4.70 -15.69
N HIS A 310 -7.52 -4.18 -16.51
CA HIS A 310 -6.53 -5.07 -17.11
C HIS A 310 -5.12 -4.84 -16.57
N ASP A 311 -4.94 -3.89 -15.67
CA ASP A 311 -3.62 -3.61 -15.12
C ASP A 311 -3.01 -4.92 -14.61
N PRO A 312 -1.82 -5.28 -15.05
CA PRO A 312 -1.26 -6.58 -14.67
C PRO A 312 -0.60 -6.54 -13.31
N VAL A 313 -0.39 -7.75 -12.79
CA VAL A 313 0.37 -7.95 -11.58
C VAL A 313 1.83 -7.96 -12.01
N LYS A 314 2.55 -6.90 -11.71
CA LYS A 314 3.94 -6.82 -12.19
C LYS A 314 4.83 -7.71 -11.33
N PRO A 315 5.72 -8.47 -11.94
CA PRO A 315 6.65 -9.28 -11.15
C PRO A 315 7.72 -8.36 -10.61
N ARG A 316 7.50 -7.75 -9.45
CA ARG A 316 8.48 -6.84 -8.88
C ARG A 316 8.29 -6.92 -7.37
N GLN A 317 9.18 -7.64 -6.71
CA GLN A 317 9.18 -7.72 -5.26
C GLN A 317 9.95 -6.61 -4.58
N LEU A 318 10.89 -5.97 -5.27
CA LEU A 318 11.75 -5.01 -4.60
C LEU A 318 11.40 -3.58 -5.02
N PRO A 319 11.59 -2.60 -4.14
CA PRO A 319 11.32 -1.22 -4.52
C PRO A 319 12.20 -0.76 -5.70
N LYS A 320 11.64 0.13 -6.52
CA LYS A 320 12.29 0.65 -7.72
C LYS A 320 13.16 1.86 -7.41
N THR A 321 12.95 2.50 -6.26
CA THR A 321 13.71 3.65 -5.82
C THR A 321 13.96 3.52 -4.32
N ILE A 322 15.02 4.15 -3.83
CA ILE A 322 15.37 4.11 -2.41
C ILE A 322 15.58 5.53 -1.93
N GLY A 323 14.77 5.98 -0.97
CA GLY A 323 14.63 7.39 -0.70
C GLY A 323 14.71 7.72 0.79
N CYS A 324 15.05 8.98 1.04
CA CYS A 324 15.38 9.52 2.37
CA CYS A 324 15.36 9.51 2.37
C CYS A 324 14.82 10.94 2.44
N SER A 325 13.92 11.19 3.37
CA SER A 325 13.17 12.45 3.38
C SER A 325 13.08 12.97 4.79
N LYS A 326 13.22 14.29 4.98
CA LYS A 326 12.88 14.90 6.26
C LYS A 326 12.28 16.28 6.06
N ASN A 327 11.12 16.49 6.67
CA ASN A 327 10.51 17.81 6.78
C ASN A 327 11.18 18.62 7.87
N PHE A 328 11.24 19.93 7.64
CA PHE A 328 11.69 20.88 8.65
C PHE A 328 10.63 21.95 8.78
N PRO A 329 9.47 21.60 9.34
CA PRO A 329 8.35 22.53 9.34
C PRO A 329 8.55 23.63 10.39
N GLY A 330 7.71 24.65 10.27
CA GLY A 330 7.72 25.74 11.23
C GLY A 330 9.08 26.40 11.33
N LYS A 331 9.41 26.80 12.56
CA LYS A 331 10.63 27.53 12.88
C LYS A 331 11.87 26.66 12.83
N THR A 332 11.74 25.39 12.49
CA THR A 332 12.92 24.53 12.37
C THR A 332 13.51 24.53 10.99
N ALA A 333 12.87 25.23 10.04
CA ALA A 333 13.35 25.31 8.66
C ALA A 333 14.81 25.73 8.59
N LEU A 334 15.52 25.17 7.63
CA LEU A 334 16.98 25.32 7.57
C LEU A 334 17.32 26.65 6.93
N ALA A 335 18.12 27.47 7.64
CA ALA A 335 18.39 28.83 7.21
C ALA A 335 19.86 29.17 7.03
N THR A 336 20.78 28.21 7.19
CA THR A 336 22.19 28.52 6.96
C THR A 336 22.79 27.48 6.03
N ARG A 337 23.96 27.82 5.49
CA ARG A 337 24.72 26.89 4.67
C ARG A 337 25.11 25.68 5.50
N GLU A 338 25.63 25.92 6.71
CA GLU A 338 26.06 24.83 7.57
C GLU A 338 24.94 23.84 7.82
N GLN A 339 23.73 24.35 8.07
CA GLN A 339 22.57 23.51 8.37
C GLN A 339 22.21 22.63 7.18
N VAL A 340 22.08 23.24 6.00
CA VAL A 340 21.70 22.47 4.84
C VAL A 340 22.76 21.41 4.56
N GLN A 341 24.03 21.75 4.76
CA GLN A 341 25.08 20.77 4.50
C GLN A 341 24.99 19.59 5.47
N TRP A 342 24.80 19.89 6.76
CA TRP A 342 24.78 18.81 7.74
C TRP A 342 23.60 17.87 7.52
N TRP A 343 22.42 18.42 7.23
CA TRP A 343 21.29 17.52 7.02
C TRP A 343 21.40 16.76 5.71
N LEU A 344 21.96 17.37 4.66
CA LEU A 344 22.18 16.60 3.45
C LEU A 344 23.15 15.47 3.73
N LEU A 345 24.08 15.69 4.66
CA LEU A 345 25.02 14.63 4.99
C LEU A 345 24.33 13.54 5.81
N GLN A 346 23.44 13.90 6.72
CA GLN A 346 22.74 12.88 7.50
C GLN A 346 21.86 12.04 6.57
N LEU A 347 21.14 12.71 5.67
CA LEU A 347 20.28 11.99 4.74
C LEU A 347 21.11 11.09 3.84
N ALA A 348 22.24 11.61 3.36
CA ALA A 348 23.11 10.85 2.48
C ALA A 348 23.75 9.68 3.20
N GLN A 349 23.98 9.80 4.51
CA GLN A 349 24.55 8.69 5.28
C GLN A 349 23.54 7.54 5.45
N GLU A 350 22.28 7.89 5.78
CA GLU A 350 21.26 6.82 5.80
C GLU A 350 21.10 6.19 4.42
N LEU A 351 21.08 7.02 3.37
CA LEU A 351 20.91 6.50 2.02
C LEU A 351 22.03 5.55 1.65
N GLU A 352 23.29 5.94 1.94
CA GLU A 352 24.44 5.08 1.70
C GLU A 352 24.27 3.73 2.39
N GLU A 353 23.90 3.74 3.68
CA GLU A 353 23.68 2.48 4.41
C GLU A 353 22.65 1.59 3.70
N ARG A 354 21.47 2.15 3.41
CA ARG A 354 20.43 1.35 2.77
CA ARG A 354 20.42 1.37 2.75
C ARG A 354 20.88 0.86 1.39
N LEU A 355 21.54 1.72 0.60
CA LEU A 355 21.99 1.33 -0.74
C LEU A 355 23.03 0.21 -0.70
N THR A 356 23.99 0.29 0.22
CA THR A 356 25.00 -0.77 0.28
C THR A 356 24.33 -2.09 0.65
N LYS A 357 23.43 -2.06 1.64
CA LYS A 357 22.65 -3.25 1.96
C LYS A 357 21.89 -3.76 0.74
N ASP A 358 21.31 -2.84 -0.04
CA ASP A 358 20.53 -3.22 -1.21
C ASP A 358 21.42 -3.87 -2.26
N ARG A 359 22.57 -3.27 -2.54
CA ARG A 359 23.52 -3.85 -3.51
C ARG A 359 23.96 -5.25 -3.10
N ASN A 360 24.17 -5.48 -1.80
CA ASN A 360 24.60 -6.82 -1.39
C ASN A 360 23.46 -7.84 -1.41
N ASP A 361 22.25 -7.41 -1.04
CA ASP A 361 21.13 -8.33 -1.00
C ASP A 361 20.56 -8.62 -2.38
N ASN A 362 20.49 -7.62 -3.26
CA ASN A 362 19.66 -7.68 -4.45
C ASN A 362 20.43 -7.51 -5.75
N ASP A 363 21.77 -7.43 -5.71
CA ASP A 363 22.62 -7.45 -6.91
C ASP A 363 22.22 -6.35 -7.90
N ARG A 364 22.28 -5.11 -7.43
CA ARG A 364 21.92 -3.99 -8.29
C ARG A 364 22.46 -2.71 -7.67
N VAL A 365 22.83 -1.77 -8.54
CA VAL A 365 23.29 -0.45 -8.14
C VAL A 365 22.35 0.60 -8.71
N ALA A 366 22.12 1.65 -7.95
CA ALA A 366 21.47 2.81 -8.49
C ALA A 366 22.49 3.66 -9.22
N THR A 367 22.02 4.37 -10.24
CA THR A 367 22.88 5.16 -11.10
C THR A 367 22.47 6.63 -11.17
N GLN A 368 21.39 7.03 -10.48
CA GLN A 368 20.94 8.41 -10.56
C GLN A 368 20.46 8.86 -9.19
N LEU A 369 20.79 10.11 -8.83
CA LEU A 369 20.50 10.66 -7.52
C LEU A 369 19.54 11.83 -7.74
N VAL A 370 18.38 11.78 -7.09
CA VAL A 370 17.36 12.81 -7.23
C VAL A 370 17.30 13.60 -5.93
N VAL A 371 17.49 14.91 -6.02
CA VAL A 371 17.42 15.78 -4.86
CA VAL A 371 17.44 15.82 -4.88
C VAL A 371 16.17 16.65 -4.99
N SER A 372 15.36 16.66 -3.94
CA SER A 372 14.15 17.46 -3.92
C SER A 372 14.16 18.30 -2.67
N ILE A 373 13.70 19.54 -2.79
CA ILE A 373 13.59 20.40 -1.63
C ILE A 373 12.24 21.09 -1.68
N ARG A 374 11.78 21.49 -0.49
CA ARG A 374 10.71 22.46 -0.33
C ARG A 374 11.28 23.69 0.36
N VAL A 375 10.92 24.87 -0.13
CA VAL A 375 11.30 26.11 0.55
C VAL A 375 10.07 26.68 1.23
N GLN A 376 10.32 27.43 2.31
CA GLN A 376 9.24 27.88 3.17
C GLN A 376 8.30 28.80 2.41
N GLY A 377 7.01 28.66 2.66
CA GLY A 377 6.02 29.47 1.98
C GLY A 377 5.77 29.10 0.55
N ASP A 378 6.44 28.07 0.02
CA ASP A 378 6.11 27.59 -1.32
C ASP A 378 4.90 26.67 -1.23
N LYS A 379 3.93 26.91 -2.12
CA LYS A 379 2.71 26.13 -2.14
C LYS A 379 2.98 24.65 -2.44
N ARG A 380 3.98 24.37 -3.28
CA ARG A 380 4.20 23.03 -3.81
C ARG A 380 4.91 22.13 -2.79
N LEU A 381 4.59 20.82 -2.86
CA LEU A 381 5.27 19.84 -2.00
C LEU A 381 6.72 19.66 -2.40
N SER A 382 7.02 19.78 -3.68
CA SER A 382 8.38 19.77 -4.20
C SER A 382 8.61 21.15 -4.82
N SER A 383 9.26 22.03 -4.06
CA SER A 383 9.65 23.31 -4.65
C SER A 383 10.64 23.11 -5.78
N LEU A 384 11.51 22.10 -5.67
CA LEU A 384 12.41 21.84 -6.78
C LEU A 384 12.87 20.39 -6.72
N ARG A 385 13.16 19.84 -7.88
CA ARG A 385 13.61 18.46 -8.02
C ARG A 385 14.63 18.43 -9.13
N ARG A 386 15.87 18.08 -8.80
CA ARG A 386 16.92 18.02 -9.80
CA ARG A 386 16.92 18.02 -9.82
C ARG A 386 17.71 16.73 -9.65
N CYS A 387 18.20 16.22 -10.77
CA CYS A 387 18.88 14.93 -10.78
C CYS A 387 20.35 15.12 -11.14
N CYS A 388 21.20 14.25 -10.61
CA CYS A 388 22.61 14.21 -10.98
C CYS A 388 23.06 12.75 -10.97
N ALA A 389 24.31 12.51 -11.36
CA ALA A 389 24.77 11.13 -11.41
C ALA A 389 24.99 10.59 -10.01
N LEU A 390 24.76 9.29 -9.86
CA LEU A 390 25.06 8.53 -8.65
C LEU A 390 26.03 7.43 -9.07
N THR A 391 27.30 7.62 -8.77
CA THR A 391 28.40 6.80 -9.30
C THR A 391 29.09 5.93 -8.26
N ARG A 392 29.23 6.40 -7.03
CA ARG A 392 29.73 5.55 -5.96
C ARG A 392 28.87 5.76 -4.72
N TYR A 393 28.79 4.72 -3.90
CA TYR A 393 27.96 4.76 -2.70
C TYR A 393 28.75 5.40 -1.56
N ASP A 394 28.93 6.73 -1.67
CA ASP A 394 29.64 7.48 -0.65
C ASP A 394 28.80 8.67 -0.21
N ALA A 395 28.48 8.72 1.07
CA ALA A 395 27.56 9.73 1.59
C ALA A 395 28.15 11.14 1.46
N HIS A 396 29.45 11.30 1.69
CA HIS A 396 30.02 12.65 1.55
C HIS A 396 29.89 13.14 0.11
N LYS A 397 30.15 12.27 -0.85
CA LYS A 397 30.00 12.68 -2.25
C LYS A 397 28.54 12.97 -2.58
N MET A 398 27.61 12.12 -2.13
CA MET A 398 26.21 12.33 -2.49
C MET A 398 25.68 13.63 -1.90
N SER A 399 26.05 13.92 -0.65
CA SER A 399 25.64 15.17 -0.02
C SER A 399 26.25 16.38 -0.71
N HIS A 400 27.54 16.30 -1.03
CA HIS A 400 28.17 17.39 -1.79
C HIS A 400 27.46 17.62 -3.12
N ASP A 401 27.13 16.55 -3.84
CA ASP A 401 26.48 16.68 -5.14
C ASP A 401 25.07 17.23 -5.01
N ALA A 402 24.33 16.79 -4.00
CA ALA A 402 23.01 17.37 -3.77
C ALA A 402 23.14 18.86 -3.50
N PHE A 403 24.15 19.27 -2.73
CA PHE A 403 24.36 20.69 -2.52
C PHE A 403 24.64 21.40 -3.85
N THR A 404 25.76 21.06 -4.47
CA THR A 404 26.10 21.47 -5.82
C THR A 404 24.88 21.66 -6.72
N VAL A 405 23.93 20.73 -6.63
CA VAL A 405 22.79 20.74 -7.52
C VAL A 405 21.65 21.63 -7.03
N ILE A 406 21.58 21.95 -5.74
CA ILE A 406 20.50 22.81 -5.24
C ILE A 406 20.95 24.22 -4.86
N LYS A 407 22.26 24.50 -4.83
CA LYS A 407 22.76 25.68 -4.12
C LYS A 407 22.28 27.00 -4.73
N ASN A 408 21.86 27.00 -5.98
CA ASN A 408 21.43 28.24 -6.62
C ASN A 408 19.97 28.58 -6.36
N CYS A 409 19.34 27.95 -5.36
CA CYS A 409 18.09 28.43 -4.80
C CYS A 409 18.32 29.27 -3.57
N ASN A 410 19.57 29.40 -3.13
CA ASN A 410 19.91 30.35 -2.07
C ASN A 410 19.98 31.75 -2.67
N THR A 411 19.14 32.65 -2.16
CA THR A 411 19.12 34.04 -2.61
C THR A 411 19.81 35.00 -1.64
N SER A 412 20.47 34.47 -0.60
CA SER A 412 21.18 35.30 0.38
C SER A 412 22.36 36.05 -0.26
N GLY A 413 22.96 36.92 0.52
CA GLY A 413 24.18 37.62 0.12
C GLY A 413 25.37 37.16 0.93
N THR A 416 26.29 33.16 3.74
CA THR A 416 26.31 31.98 4.61
C THR A 416 24.92 31.69 5.15
N GLU A 417 23.96 32.47 4.69
CA GLU A 417 22.57 32.25 5.05
C GLU A 417 21.88 31.47 3.95
N TRP A 418 20.66 31.01 4.27
CA TRP A 418 19.83 30.34 3.29
C TRP A 418 18.45 30.97 3.28
N SER A 419 18.01 31.41 2.11
CA SER A 419 16.69 31.98 1.99
C SER A 419 16.17 31.62 0.60
N PRO A 420 14.88 31.32 0.46
CA PRO A 420 13.90 30.99 1.52
C PRO A 420 14.40 29.80 2.31
N PRO A 421 14.22 29.78 3.63
CA PRO A 421 14.60 28.59 4.41
C PRO A 421 13.90 27.33 3.89
N LEU A 422 14.59 26.19 4.02
CA LEU A 422 14.09 24.92 3.51
C LEU A 422 13.23 24.18 4.52
N THR A 423 12.02 23.84 4.13
CA THR A 423 11.10 23.06 4.95
C THR A 423 11.13 21.57 4.60
N MET A 424 11.97 21.16 3.66
CA MET A 424 12.05 19.75 3.32
C MET A 424 13.34 19.52 2.54
N LEU A 425 14.02 18.43 2.89
CA LEU A 425 15.04 17.83 2.05
C LEU A 425 14.64 16.41 1.72
N PHE A 426 15.08 15.95 0.54
CA PHE A 426 14.72 14.64 0.04
CA PHE A 426 14.71 14.63 0.03
C PHE A 426 15.81 14.18 -0.91
N LEU A 427 16.31 12.97 -0.70
CA LEU A 427 17.37 12.40 -1.51
C LEU A 427 16.85 11.06 -1.97
N CYS A 428 16.86 10.78 -3.28
CA CYS A 428 16.33 9.51 -3.80
C CYS A 428 17.29 8.92 -4.83
N ALA A 429 17.71 7.67 -4.58
CA ALA A 429 18.48 6.89 -5.52
C ALA A 429 17.53 6.12 -6.43
N THR A 430 17.78 6.17 -7.73
CA THR A 430 16.88 5.59 -8.73
C THR A 430 17.72 4.98 -9.87
N LYS A 431 17.02 4.54 -10.92
CA LYS A 431 17.64 4.03 -12.15
C LYS A 431 18.56 2.85 -11.84
N PHE A 432 17.96 1.78 -11.36
CA PHE A 432 18.72 0.63 -10.93
C PHE A 432 19.17 -0.21 -12.12
N SER A 433 20.39 -0.73 -12.02
CA SER A 433 20.96 -1.60 -13.03
C SER A 433 21.58 -2.79 -12.32
N ALA A 434 21.47 -3.97 -12.94
CA ALA A 434 21.97 -5.18 -12.30
C ALA A 434 23.47 -5.07 -12.05
N SER A 435 23.87 -5.47 -10.85
CA SER A 435 25.27 -5.48 -10.43
C SER A 435 25.66 -6.90 -10.11
MN MN D . -2.15 -2.50 6.22
PG DGT E . -4.69 -1.82 7.96
O1G DGT E . -4.85 -3.10 8.79
O2G DGT E . -4.10 -2.18 6.60
O3G DGT E . -5.95 -1.03 7.88
O3B DGT E . -3.53 -1.01 8.70
PB DGT E . -2.15 -0.46 8.15
O1B DGT E . -1.56 0.46 9.24
O2B DGT E . -1.21 -1.52 7.72
O3A DGT E . -2.59 0.47 6.94
PA DGT E . -1.85 0.94 5.61
O1A DGT E . -1.61 -0.31 4.76
O2A DGT E . -2.53 2.12 4.95
O5' DGT E . -0.38 1.34 6.13
C5' DGT E . 0.79 0.52 5.94
C4' DGT E . 1.82 0.83 7.00
O4' DGT E . 2.70 1.88 6.52
C3' DGT E . 1.25 1.34 8.33
O3' DGT E . 1.07 0.25 9.22
C2' DGT E . 2.35 2.27 8.83
C1' DGT E . 2.98 2.81 7.56
N9 DGT E . 2.46 4.12 7.13
C8 DGT E . 1.24 4.42 6.60
N7 DGT E . 1.12 5.71 6.29
C5 DGT E . 2.34 6.25 6.65
C6 DGT E . 2.84 7.57 6.59
O6 DGT E . 2.17 8.50 6.15
N1 DGT E . 4.08 7.82 7.02
C2 DGT E . 4.81 6.76 7.50
N2 DGT E . 6.05 7.04 7.88
N3 DGT E . 4.39 5.50 7.60
C4 DGT E . 3.16 5.31 7.17
P1 DPO F . -4.73 -1.80 8.04
O1 DPO F . -4.10 -1.97 6.66
O2 DPO F . -5.05 -3.16 8.65
O3 DPO F . -5.98 -0.93 7.94
O4 DPO F . -3.50 -1.00 8.89
P2 DPO F . -2.02 -0.39 8.34
O5 DPO F . -1.09 -1.47 7.79
O6 DPO F . -2.44 0.57 7.23
O7 DPO F . -1.39 0.41 9.48
MN MN G . -1.46 -1.21 3.30
MN MN H . -3.92 1.86 6.27
#